data_3C17
#
_entry.id   3C17
#
_cell.length_a   149.4700
_cell.length_b   149.4700
_cell.length_c   214.3500
_cell.angle_alpha   90.000
_cell.angle_beta   90.000
_cell.angle_gamma   120.000
#
_symmetry.space_group_name_H-M   'P 61 2 2'
#
loop_
_entity.id
_entity.type
_entity.pdbx_description
1 polymer 'L-asparaginase precursor'
2 non-polymer 'SODIUM ION'
3 non-polymer 'CHLORIDE ION'
4 water water
#
_entity_poly.entity_id   1
_entity_poly.type   'polypeptide(L)'
_entity_poly.pdbx_seq_one_letter_code
;GKAVIAIHGGAGAISRAQMSLQQELRYIEALSAIVETGQKMLEAGESALDVVTEAVRLLEECPLFNAGIGAVFTRDETHE
LDACVMDGNTLKAGAVAGVSHLRNPVLAARLVMEQSPHVMMIGEGAENFAFARGMERVSPEIFSTSLRYEQLLAARKEGA
TVLDHSGAPLDEKQKMGAVGAVALDLDGNLAAATSTGGMTNKLPGRVGDSPLVGAGCYANNASVAVSCTGTGEVFIRALA
AYDIAALMDYGGLSLAEACERVVMEKLPALGGSGGLIAIDHEGNVALPFNTEGMYRAWGYAGDTPTTGIYREKGDTVATQ
;
_entity_poly.pdbx_strand_id   A,B
#
loop_
_chem_comp.id
_chem_comp.type
_chem_comp.name
_chem_comp.formula
CL non-polymer 'CHLORIDE ION' 'Cl -1'
NA non-polymer 'SODIUM ION' 'Na 1'
#
# COMPACT_ATOMS: atom_id res chain seq x y z
N GLY A 1 -26.82 12.34 18.57
CA GLY A 1 -26.38 12.52 17.15
C GLY A 1 -25.27 11.59 16.68
N LYS A 2 -25.34 10.32 17.14
CA LYS A 2 -24.62 9.14 16.59
C LYS A 2 -23.08 9.09 16.58
N ALA A 3 -22.38 10.03 17.22
CA ALA A 3 -20.91 9.91 17.29
C ALA A 3 -20.55 8.63 18.04
N VAL A 4 -19.50 7.95 17.56
CA VAL A 4 -19.10 6.68 18.14
C VAL A 4 -17.64 6.44 17.86
N ILE A 5 -17.01 5.72 18.77
CA ILE A 5 -15.63 5.30 18.64
C ILE A 5 -15.50 3.79 18.92
N ALA A 6 -14.60 3.17 18.20
CA ALA A 6 -14.15 1.79 18.50
C ALA A 6 -12.67 1.78 18.46
N ILE A 7 -12.07 0.93 19.30
CA ILE A 7 -10.62 0.75 19.32
C ILE A 7 -10.30 -0.74 19.40
N HIS A 8 -9.08 -1.07 19.01
CA HIS A 8 -8.52 -2.42 19.20
C HIS A 8 -7.06 -2.37 19.57
N GLY A 9 -6.60 -3.46 20.15
CA GLY A 9 -5.23 -3.61 20.59
C GLY A 9 -4.60 -4.94 20.22
N GLY A 10 -5.15 -5.61 19.21
CA GLY A 10 -4.63 -6.87 18.73
C GLY A 10 -5.57 -8.06 18.92
N ALA A 11 -5.28 -9.15 18.22
CA ALA A 11 -6.15 -10.30 18.18
C ALA A 11 -5.28 -11.54 18.46
N GLY A 12 -5.94 -12.65 18.80
CA GLY A 12 -5.24 -13.87 19.12
C GLY A 12 -6.04 -14.96 19.79
N ALA A 13 -5.34 -16.04 20.16
CA ALA A 13 -5.93 -17.19 20.80
C ALA A 13 -6.09 -16.88 22.28
N ILE A 14 -7.13 -17.46 22.89
CA ILE A 14 -7.51 -17.14 24.25
C ILE A 14 -6.58 -17.89 25.21
N SER A 15 -5.96 -17.16 26.14
CA SER A 15 -5.11 -17.73 27.18
C SER A 15 -5.60 -17.37 28.59
N ARG A 16 -6.92 -17.26 28.75
CA ARG A 16 -7.53 -16.94 30.03
C ARG A 16 -7.11 -17.89 31.16
N ALA A 17 -7.02 -19.18 30.86
CA ALA A 17 -6.66 -20.18 31.86
C ALA A 17 -5.30 -19.96 32.54
N GLN A 18 -4.42 -19.23 31.88
CA GLN A 18 -3.13 -18.88 32.47
C GLN A 18 -3.14 -17.48 33.11
N MET A 19 -4.25 -16.73 33.00
CA MET A 19 -4.34 -15.36 33.53
C MET A 19 -5.02 -15.33 34.89
N SER A 20 -4.64 -14.38 35.74
CA SER A 20 -5.43 -14.02 36.93
C SER A 20 -6.39 -12.92 36.48
N LEU A 21 -7.46 -12.69 37.25
CA LEU A 21 -8.37 -11.56 36.97
C LEU A 21 -7.63 -10.21 37.05
N GLN A 22 -6.74 -10.06 38.02
CA GLN A 22 -5.98 -8.82 38.15
C GLN A 22 -5.17 -8.50 36.89
N GLN A 23 -4.58 -9.52 36.28
CA GLN A 23 -3.87 -9.34 34.99
C GLN A 23 -4.79 -8.88 33.89
N GLU A 24 -5.94 -9.53 33.76
CA GLU A 24 -6.94 -9.17 32.77
C GLU A 24 -7.42 -7.73 32.95
N LEU A 25 -7.64 -7.36 34.21
CA LEU A 25 -8.12 -6.03 34.56
C LEU A 25 -7.17 -4.92 34.13
N ARG A 26 -5.88 -5.19 34.10
CA ARG A 26 -4.93 -4.20 33.57
C ARG A 26 -5.24 -3.88 32.10
N TYR A 27 -5.57 -4.91 31.32
CA TYR A 27 -5.91 -4.74 29.91
C TYR A 27 -7.25 -4.03 29.77
N ILE A 28 -8.22 -4.45 30.58
CA ILE A 28 -9.55 -3.85 30.55
C ILE A 28 -9.49 -2.38 30.92
N GLU A 29 -8.72 -2.07 31.96
CA GLU A 29 -8.56 -0.70 32.42
C GLU A 29 -7.92 0.17 31.33
N ALA A 30 -6.90 -0.36 30.66
CA ALA A 30 -6.25 0.33 29.57
C ALA A 30 -7.22 0.64 28.44
N LEU A 31 -7.94 -0.39 28.01
CA LEU A 31 -8.91 -0.23 26.93
C LEU A 31 -10.02 0.74 27.35
N SER A 32 -10.48 0.64 28.61
CA SER A 32 -11.59 1.47 29.11
CA SER A 32 -11.60 1.47 29.08
C SER A 32 -11.20 2.92 29.12
N ALA A 33 -10.01 3.20 29.63
CA ALA A 33 -9.52 4.57 29.75
C ALA A 33 -9.44 5.25 28.38
N ILE A 34 -8.93 4.53 27.40
CA ILE A 34 -8.70 5.07 26.04
C ILE A 34 -10.05 5.32 25.32
N VAL A 35 -10.93 4.33 25.35
CA VAL A 35 -12.25 4.52 24.77
C VAL A 35 -13.03 5.65 25.44
N GLU A 36 -12.91 5.79 26.77
CA GLU A 36 -13.60 6.86 27.48
C GLU A 36 -13.04 8.22 27.11
N THR A 37 -11.73 8.30 26.98
CA THR A 37 -11.11 9.52 26.44
C THR A 37 -11.65 9.90 25.04
N GLY A 38 -11.73 8.91 24.16
CA GLY A 38 -12.31 9.09 22.84
C GLY A 38 -13.75 9.57 22.84
N GLN A 39 -14.57 8.97 23.69
CA GLN A 39 -15.99 9.34 23.78
C GLN A 39 -16.15 10.77 24.26
N LYS A 40 -15.34 11.15 25.25
CA LYS A 40 -15.36 12.49 25.82
C LYS A 40 -14.99 13.51 24.75
N MET A 41 -13.92 13.22 24.01
CA MET A 41 -13.53 14.11 22.91
C MET A 41 -14.65 14.27 21.90
N LEU A 42 -15.27 13.17 21.52
CA LEU A 42 -16.36 13.21 20.58
C LEU A 42 -17.56 14.05 21.08
N GLU A 43 -17.99 13.85 22.32
CA GLU A 43 -19.16 14.57 22.84
C GLU A 43 -18.88 16.07 22.92
N ALA A 44 -17.61 16.42 23.10
CA ALA A 44 -17.18 17.80 23.14
C ALA A 44 -16.97 18.39 21.73
N GLY A 45 -17.34 17.67 20.69
CA GLY A 45 -17.24 18.20 19.32
C GLY A 45 -15.88 18.07 18.65
N GLU A 46 -14.98 17.25 19.20
CA GLU A 46 -13.66 17.05 18.58
C GLU A 46 -13.82 16.22 17.31
N SER A 47 -12.87 16.32 16.39
CA SER A 47 -13.01 15.68 15.09
C SER A 47 -12.65 14.19 15.16
N ALA A 48 -13.25 13.38 14.27
CA ALA A 48 -12.89 11.94 14.18
C ALA A 48 -11.41 11.75 14.02
N LEU A 49 -10.79 12.60 13.21
CA LEU A 49 -9.36 12.46 12.92
C LEU A 49 -8.52 12.65 14.19
N ASP A 50 -8.80 13.72 14.91
CA ASP A 50 -8.16 13.99 16.19
C ASP A 50 -8.43 12.89 17.21
N VAL A 51 -9.64 12.33 17.15
CA VAL A 51 -10.04 11.28 18.10
C VAL A 51 -9.28 9.97 17.81
N VAL A 52 -9.21 9.54 16.56
CA VAL A 52 -8.50 8.30 16.25
C VAL A 52 -7.00 8.48 16.45
N THR A 53 -6.50 9.68 16.17
CA THR A 53 -5.07 9.98 16.39
C THR A 53 -4.69 9.88 17.88
N GLU A 54 -5.49 10.49 18.73
CA GLU A 54 -5.23 10.47 20.17
C GLU A 54 -5.40 9.06 20.77
N ALA A 55 -6.42 8.35 20.31
CA ALA A 55 -6.67 7.01 20.81
C ALA A 55 -5.51 6.11 20.45
N VAL A 56 -5.07 6.16 19.19
CA VAL A 56 -3.90 5.35 18.78
C VAL A 56 -2.60 5.82 19.48
N ARG A 57 -2.42 7.11 19.67
CA ARG A 57 -1.32 7.62 20.48
C ARG A 57 -1.32 6.99 21.89
N LEU A 58 -2.48 6.95 22.53
CA LEU A 58 -2.59 6.37 23.87
C LEU A 58 -2.31 4.87 23.83
N LEU A 59 -2.74 4.21 22.75
CA LEU A 59 -2.50 2.77 22.61
C LEU A 59 -1.01 2.46 22.36
N GLU A 60 -0.34 3.33 21.63
CA GLU A 60 1.12 3.26 21.47
C GLU A 60 1.79 3.36 22.84
N GLU A 61 1.38 4.33 23.61
CA GLU A 61 1.95 4.53 24.94
C GLU A 61 1.73 3.36 25.87
N CYS A 62 0.65 2.62 25.69
CA CYS A 62 0.34 1.54 26.62
C CYS A 62 1.25 0.37 26.30
N PRO A 63 2.09 -0.08 27.27
CA PRO A 63 3.05 -1.13 26.94
C PRO A 63 2.46 -2.50 26.67
N LEU A 64 1.15 -2.66 26.95
CA LEU A 64 0.49 -3.94 26.75
C LEU A 64 0.23 -4.30 25.27
N PHE A 65 0.21 -3.28 24.39
CA PHE A 65 -0.18 -3.46 23.01
C PHE A 65 0.99 -3.20 22.05
N ASN A 66 1.04 -4.01 21.00
CA ASN A 66 2.11 -4.00 20.01
C ASN A 66 2.05 -2.80 19.06
N ALA A 67 2.47 -1.67 19.59
CA ALA A 67 2.62 -0.42 18.84
C ALA A 67 3.32 0.49 19.80
N GLY A 68 4.22 1.31 19.28
CA GLY A 68 5.06 2.13 20.14
C GLY A 68 5.70 1.39 21.30
N ILE A 69 5.57 1.95 22.49
CA ILE A 69 6.03 1.33 23.72
C ILE A 69 5.31 0.00 23.82
N GLY A 70 6.09 -1.08 23.91
CA GLY A 70 5.59 -2.44 23.89
C GLY A 70 5.66 -3.10 22.51
N ALA A 71 6.33 -2.45 21.55
CA ALA A 71 6.50 -3.00 20.22
C ALA A 71 7.23 -4.33 20.30
N VAL A 72 6.83 -5.28 19.47
CA VAL A 72 7.58 -6.53 19.28
C VAL A 72 9.01 -6.28 18.76
N PHE A 73 9.88 -7.27 18.90
CA PHE A 73 11.22 -7.19 18.38
C PHE A 73 11.37 -7.85 17.02
N THR A 74 12.21 -7.25 16.18
CA THR A 74 12.62 -7.87 14.92
C THR A 74 13.64 -8.98 15.18
N ARG A 75 13.98 -9.67 14.11
N ARG A 75 13.98 -9.69 14.11
CA ARG A 75 14.99 -10.74 14.20
CA ARG A 75 15.00 -10.74 14.18
C ARG A 75 16.36 -10.23 14.66
C ARG A 75 16.36 -10.22 14.70
N ASP A 76 16.62 -8.93 14.46
CA ASP A 76 17.89 -8.29 14.80
C ASP A 76 17.81 -7.65 16.19
N GLU A 77 16.74 -7.98 16.92
CA GLU A 77 16.49 -7.48 18.28
C GLU A 77 16.34 -5.96 18.31
N THR A 78 15.68 -5.44 17.31
CA THR A 78 15.47 -4.02 17.14
C THR A 78 13.95 -3.82 17.08
N HIS A 79 13.53 -2.57 16.96
CA HIS A 79 12.15 -2.24 16.71
C HIS A 79 11.99 -1.44 15.41
N GLU A 80 11.02 -1.84 14.59
CA GLU A 80 10.64 -1.12 13.38
C GLU A 80 9.13 -0.94 13.43
N LEU A 81 8.70 0.30 13.47
CA LEU A 81 7.31 0.65 13.73
C LEU A 81 6.65 1.18 12.49
N ASP A 82 5.37 0.88 12.34
CA ASP A 82 4.59 1.41 11.23
C ASP A 82 3.23 1.97 11.71
N ALA A 83 2.72 2.94 10.98
CA ALA A 83 1.40 3.54 11.30
C ALA A 83 0.75 4.20 10.10
N CYS A 84 -0.58 4.29 10.17
CA CYS A 84 -1.37 4.96 9.16
C CYS A 84 -2.50 5.73 9.75
N VAL A 85 -2.90 6.82 9.10
CA VAL A 85 -4.12 7.49 9.50
C VAL A 85 -4.84 8.00 8.23
N MET A 86 -6.16 8.01 8.26
CA MET A 86 -6.96 8.43 7.12
C MET A 86 -8.18 9.26 7.54
N ASP A 87 -8.38 10.36 6.83
CA ASP A 87 -9.46 11.33 7.07
C ASP A 87 -10.50 11.09 5.98
N GLY A 88 -11.64 10.55 6.38
CA GLY A 88 -12.68 10.16 5.43
C GLY A 88 -13.41 11.33 4.80
N ASN A 89 -13.13 12.52 5.33
CA ASN A 89 -13.74 13.75 4.85
C ASN A 89 -12.99 14.29 3.62
N THR A 90 -11.67 14.12 3.59
CA THR A 90 -10.86 14.65 2.50
C THR A 90 -10.25 13.55 1.68
N LEU A 91 -10.32 12.35 2.27
CA LEU A 91 -9.67 11.15 1.81
C LEU A 91 -8.16 11.23 1.88
N LYS A 92 -7.62 12.22 2.57
CA LYS A 92 -6.17 12.28 2.77
C LYS A 92 -5.75 11.20 3.74
N ALA A 93 -4.49 10.79 3.62
CA ALA A 93 -3.97 9.76 4.44
C ALA A 93 -2.51 10.11 4.66
N GLY A 94 -1.98 9.65 5.79
CA GLY A 94 -0.57 9.73 6.10
C GLY A 94 -0.09 8.40 6.67
N ALA A 95 1.13 8.02 6.35
CA ALA A 95 1.64 6.72 6.80
C ALA A 95 3.17 6.69 6.88
N VAL A 96 3.69 5.97 7.86
CA VAL A 96 5.13 5.76 8.00
C VAL A 96 5.35 4.26 8.17
N ALA A 97 6.44 3.76 7.64
CA ALA A 97 6.82 2.38 7.89
C ALA A 97 8.32 2.32 8.10
N GLY A 98 8.72 1.45 9.00
CA GLY A 98 10.09 1.18 9.20
C GLY A 98 10.77 2.23 10.02
N VAL A 99 10.04 2.89 10.91
CA VAL A 99 10.69 3.90 11.75
C VAL A 99 11.05 3.34 13.14
N SER A 100 12.25 3.71 13.61
CA SER A 100 12.77 3.32 14.91
C SER A 100 13.10 4.44 15.89
N HIS A 101 13.04 5.70 15.45
CA HIS A 101 13.52 6.80 16.27
C HIS A 101 12.45 7.86 16.55
N LEU A 102 11.18 7.48 16.38
CA LEU A 102 10.03 8.33 16.66
C LEU A 102 9.17 7.63 17.70
N ARG A 103 8.87 8.31 18.79
CA ARG A 103 8.09 7.72 19.88
C ARG A 103 6.69 7.29 19.49
N ASN A 104 6.01 8.13 18.72
CA ASN A 104 4.64 7.89 18.34
C ASN A 104 4.46 7.91 16.84
N PRO A 105 4.63 6.76 16.18
CA PRO A 105 4.44 6.66 14.74
C PRO A 105 3.14 7.27 14.20
N VAL A 106 2.03 7.15 14.93
CA VAL A 106 0.77 7.69 14.42
C VAL A 106 0.84 9.23 14.32
N LEU A 107 1.64 9.85 15.17
CA LEU A 107 1.75 11.33 15.10
C LEU A 107 2.62 11.73 13.93
N ALA A 108 3.59 10.88 13.63
CA ALA A 108 4.42 11.02 12.43
C ALA A 108 3.57 10.80 11.18
N ALA A 109 2.73 9.77 11.19
CA ALA A 109 1.85 9.49 10.07
C ALA A 109 0.99 10.72 9.86
N ARG A 110 0.48 11.26 10.95
CA ARG A 110 -0.34 12.46 10.86
C ARG A 110 0.41 13.68 10.28
N LEU A 111 1.70 13.76 10.61
CA LEU A 111 2.56 14.84 10.13
C LEU A 111 2.76 14.70 8.60
N VAL A 112 3.01 13.48 8.15
CA VAL A 112 3.03 13.17 6.71
C VAL A 112 1.74 13.63 6.03
N MET A 113 0.60 13.35 6.65
CA MET A 113 -0.69 13.84 6.10
C MET A 113 -0.81 15.38 6.00
N GLU A 114 -0.60 16.05 7.12
CA GLU A 114 -0.94 17.46 7.25
C GLU A 114 0.21 18.37 6.91
N GLN A 115 1.45 17.89 7.02
CA GLN A 115 2.61 18.77 6.84
C GLN A 115 3.50 18.41 5.66
N SER A 116 2.99 17.58 4.75
CA SER A 116 3.68 17.29 3.51
C SER A 116 2.66 17.02 2.43
N PRO A 117 3.06 17.16 1.16
CA PRO A 117 2.19 16.80 0.05
C PRO A 117 2.11 15.29 -0.16
N HIS A 118 2.65 14.50 0.74
CA HIS A 118 2.74 13.07 0.55
C HIS A 118 1.79 12.24 1.39
N VAL A 119 1.73 10.94 1.10
CA VAL A 119 0.88 9.99 1.80
C VAL A 119 1.70 8.99 2.62
N MET A 120 2.87 8.63 2.10
CA MET A 120 3.67 7.60 2.73
C MET A 120 5.18 7.90 2.69
N MET A 121 5.79 7.75 3.87
CA MET A 121 7.24 7.89 4.04
CA MET A 121 7.24 7.85 3.99
C MET A 121 7.81 6.68 4.77
N ILE A 122 9.01 6.30 4.41
CA ILE A 122 9.64 5.15 5.03
C ILE A 122 11.03 5.44 5.60
N GLY A 123 11.35 4.70 6.66
CA GLY A 123 12.69 4.63 7.20
C GLY A 123 13.30 5.93 7.68
N GLU A 124 14.58 6.08 7.43
CA GLU A 124 15.34 7.26 7.84
C GLU A 124 14.84 8.55 7.18
N GLY A 125 14.34 8.45 5.96
CA GLY A 125 13.74 9.59 5.28
C GLY A 125 12.54 10.11 6.03
N ALA A 126 11.69 9.19 6.47
CA ALA A 126 10.53 9.51 7.29
C ALA A 126 10.96 10.17 8.59
N GLU A 127 11.96 9.59 9.24
CA GLU A 127 12.47 10.15 10.49
C GLU A 127 13.00 11.56 10.31
N ASN A 128 13.80 11.77 9.27
CA ASN A 128 14.41 13.06 9.00
C ASN A 128 13.37 14.14 8.73
N PHE A 129 12.33 13.76 7.97
CA PHE A 129 11.17 14.60 7.73
C PHE A 129 10.50 15.02 9.05
N ALA A 130 10.26 14.06 9.92
CA ALA A 130 9.64 14.34 11.20
C ALA A 130 10.55 15.24 12.06
N PHE A 131 11.84 14.94 12.09
CA PHE A 131 12.76 15.75 12.90
C PHE A 131 12.82 17.17 12.40
N ALA A 132 12.81 17.35 11.07
CA ALA A 132 12.73 18.69 10.46
C ALA A 132 11.46 19.47 10.87
N ARG A 133 10.39 18.79 11.26
CA ARG A 133 9.17 19.45 11.71
C ARG A 133 9.11 19.56 13.24
N GLY A 134 10.22 19.28 13.94
CA GLY A 134 10.29 19.44 15.39
C GLY A 134 9.95 18.21 16.22
N MET A 135 9.75 17.06 15.58
CA MET A 135 9.46 15.86 16.34
C MET A 135 10.78 15.37 16.97
N GLU A 136 10.70 14.94 18.22
CA GLU A 136 11.88 14.53 18.96
C GLU A 136 12.42 13.20 18.44
N ARG A 137 13.74 13.09 18.41
CA ARG A 137 14.39 11.85 18.11
C ARG A 137 14.57 11.05 19.39
N VAL A 138 14.18 9.78 19.36
CA VAL A 138 14.31 8.91 20.51
C VAL A 138 15.19 7.72 20.11
N SER A 139 15.71 7.02 21.12
CA SER A 139 16.37 5.74 20.88
C SER A 139 15.32 4.63 20.93
N PRO A 140 15.41 3.64 20.02
CA PRO A 140 14.39 2.57 20.00
C PRO A 140 14.35 1.72 21.28
N GLU A 141 15.40 1.82 22.11
CA GLU A 141 15.39 1.10 23.38
C GLU A 141 14.18 1.51 24.23
N ILE A 142 13.62 2.70 24.05
CA ILE A 142 12.43 3.08 24.82
C ILE A 142 11.22 2.16 24.63
N PHE A 143 11.13 1.52 23.47
CA PHE A 143 9.98 0.68 23.18
C PHE A 143 10.05 -0.68 23.83
N SER A 144 11.26 -1.07 24.22
CA SER A 144 11.53 -2.42 24.64
C SER A 144 10.90 -2.83 26.00
N THR A 145 10.35 -4.07 26.03
CA THR A 145 9.69 -4.63 27.19
C THR A 145 10.14 -6.09 27.32
N SER A 146 10.14 -6.59 28.54
CA SER A 146 10.58 -7.95 28.79
C SER A 146 9.56 -8.98 28.24
N LEU A 147 8.27 -8.66 28.24
CA LEU A 147 7.27 -9.56 27.69
C LEU A 147 7.57 -9.80 26.20
N ARG A 148 7.79 -8.73 25.45
CA ARG A 148 8.04 -8.94 24.02
C ARG A 148 9.41 -9.59 23.74
N TYR A 149 10.36 -9.41 24.65
CA TYR A 149 11.66 -10.00 24.49
C TYR A 149 11.56 -11.50 24.74
N GLU A 150 10.84 -11.88 25.79
CA GLU A 150 10.49 -13.25 26.05
C GLU A 150 9.89 -13.91 24.79
N GLN A 151 8.97 -13.23 24.16
CA GLN A 151 8.34 -13.78 22.96
C GLN A 151 9.30 -13.93 21.81
N LEU A 152 10.24 -12.99 21.67
CA LEU A 152 11.28 -13.11 20.63
C LEU A 152 12.12 -14.36 20.87
N LEU A 153 12.49 -14.61 22.12
CA LEU A 153 13.31 -15.75 22.44
C LEU A 153 12.54 -17.05 22.16
N ALA A 154 11.25 -17.05 22.47
CA ALA A 154 10.45 -18.25 22.23
C ALA A 154 10.31 -18.44 20.71
N ALA A 155 10.15 -17.34 19.98
CA ALA A 155 9.99 -17.39 18.52
C ALA A 155 11.20 -18.01 17.85
N ARG A 156 12.41 -17.69 18.29
CA ARG A 156 13.57 -18.18 17.59
C ARG A 156 14.10 -19.51 18.14
N LYS A 157 13.41 -20.03 19.14
CA LYS A 157 13.62 -21.38 19.65
C LYS A 157 12.90 -22.35 18.71
N GLU A 158 13.45 -23.56 18.55
CA GLU A 158 12.86 -24.56 17.62
C GLU A 158 12.01 -25.60 18.34
N GLY A 167 1.94 -14.99 28.28
CA GLY A 167 2.21 -13.91 29.21
C GLY A 167 1.18 -12.83 29.07
N ALA A 168 0.15 -13.07 28.26
CA ALA A 168 -0.90 -12.10 28.00
C ALA A 168 -2.22 -12.85 27.86
N PRO A 169 -3.36 -12.18 28.05
CA PRO A 169 -4.67 -12.84 27.88
C PRO A 169 -4.88 -13.46 26.49
N LEU A 170 -4.34 -12.81 25.45
CA LEU A 170 -4.40 -13.36 24.10
C LEU A 170 -3.01 -13.72 23.59
N ASP A 171 -2.91 -14.84 22.89
CA ASP A 171 -1.70 -15.22 22.17
C ASP A 171 -1.80 -14.69 20.72
N GLU A 172 -0.98 -13.69 20.43
CA GLU A 172 -0.95 -13.01 19.16
C GLU A 172 -0.23 -13.77 18.08
N LYS A 173 0.41 -14.87 18.49
CA LYS A 173 1.31 -15.61 17.64
C LYS A 173 2.32 -14.56 17.17
N GLN A 174 2.80 -14.53 15.97
CA GLN A 174 3.90 -13.57 15.81
C GLN A 174 3.43 -12.23 15.31
N LYS A 175 2.26 -12.22 14.69
CA LYS A 175 1.91 -11.12 13.81
C LYS A 175 0.66 -10.36 14.19
N MET A 176 -0.20 -10.91 15.06
CA MET A 176 -1.57 -10.43 15.13
C MET A 176 -1.81 -9.30 16.12
N GLY A 177 -0.75 -8.83 16.80
CA GLY A 177 -0.86 -7.59 17.61
C GLY A 177 -0.62 -6.35 16.79
N ALA A 178 -1.41 -5.33 17.08
CA ALA A 178 -1.29 -4.06 16.44
C ALA A 178 -2.36 -3.25 17.20
N VAL A 179 -2.48 -1.97 16.93
CA VAL A 179 -3.51 -1.20 17.59
C VAL A 179 -4.22 -0.35 16.57
N GLY A 180 -5.40 0.13 16.94
CA GLY A 180 -6.13 1.01 16.03
C GLY A 180 -7.37 1.59 16.59
N ALA A 181 -7.90 2.60 15.90
CA ALA A 181 -9.09 3.35 16.25
C ALA A 181 -9.91 3.72 15.02
N VAL A 182 -11.22 3.71 15.19
CA VAL A 182 -12.13 4.27 14.19
C VAL A 182 -13.15 5.16 14.92
N ALA A 183 -13.60 6.20 14.23
CA ALA A 183 -14.58 7.12 14.85
C ALA A 183 -15.47 7.78 13.84
N LEU A 184 -16.72 8.01 14.23
CA LEU A 184 -17.65 8.90 13.56
C LEU A 184 -17.90 10.06 14.50
N ASP A 185 -17.70 11.29 14.03
CA ASP A 185 -17.85 12.45 14.88
C ASP A 185 -19.22 13.14 14.71
N LEU A 186 -19.46 14.18 15.49
CA LEU A 186 -20.75 14.85 15.49
C LEU A 186 -21.00 15.63 14.21
N ASP A 187 -19.99 15.80 13.39
CA ASP A 187 -20.18 16.40 12.09
C ASP A 187 -20.36 15.38 10.98
N GLY A 188 -20.32 14.09 11.31
CA GLY A 188 -20.52 13.08 10.27
C GLY A 188 -19.25 12.66 9.56
N ASN A 189 -18.11 13.06 10.12
CA ASN A 189 -16.83 12.67 9.56
C ASN A 189 -16.40 11.33 10.14
N LEU A 190 -15.87 10.47 9.27
CA LEU A 190 -15.29 9.19 9.64
C LEU A 190 -13.77 9.25 9.50
N ALA A 191 -13.06 8.62 10.43
CA ALA A 191 -11.57 8.55 10.38
C ALA A 191 -11.14 7.24 10.94
N ALA A 192 -9.93 6.82 10.56
CA ALA A 192 -9.33 5.56 11.00
C ALA A 192 -7.83 5.77 11.22
N ALA A 193 -7.27 5.05 12.18
CA ALA A 193 -5.82 5.03 12.38
C ALA A 193 -5.42 3.66 12.89
N THR A 194 -4.20 3.27 12.56
CA THR A 194 -3.62 1.97 12.89
C THR A 194 -2.13 2.16 13.16
N SER A 195 -1.58 1.43 14.13
CA SER A 195 -0.15 1.55 14.45
C SER A 195 0.30 0.18 14.88
N THR A 196 1.54 -0.13 14.59
CA THR A 196 2.04 -1.44 14.97
C THR A 196 3.54 -1.45 15.17
N GLY A 197 4.01 -2.47 15.90
CA GLY A 197 5.44 -2.81 15.94
C GLY A 197 5.79 -3.94 14.98
N GLY A 198 4.80 -4.54 14.31
CA GLY A 198 5.08 -5.52 13.26
C GLY A 198 4.95 -6.94 13.73
N MET A 199 5.97 -7.76 13.52
CA MET A 199 5.88 -9.13 13.94
C MET A 199 7.13 -9.58 14.66
N THR A 200 6.93 -10.43 15.66
CA THR A 200 8.03 -10.92 16.46
C THR A 200 8.92 -11.71 15.53
N ASN A 201 10.22 -11.44 15.63
CA ASN A 201 11.28 -12.12 14.85
C ASN A 201 11.23 -11.76 13.37
N LYS A 202 10.64 -10.61 13.07
CA LYS A 202 10.48 -10.18 11.71
C LYS A 202 11.83 -10.03 11.01
N LEU A 203 11.86 -10.41 9.74
CA LEU A 203 12.95 -10.06 8.86
C LEU A 203 12.98 -8.50 8.76
N PRO A 204 14.12 -7.87 9.06
CA PRO A 204 14.12 -6.41 9.00
C PRO A 204 13.74 -5.89 7.61
N GLY A 205 12.95 -4.83 7.58
CA GLY A 205 12.45 -4.27 6.34
C GLY A 205 11.13 -4.86 5.86
N ARG A 206 10.58 -5.86 6.54
CA ARG A 206 9.31 -6.41 6.14
C ARG A 206 8.23 -5.45 6.55
N VAL A 207 7.21 -5.33 5.70
CA VAL A 207 6.08 -4.46 5.97
C VAL A 207 4.78 -5.27 5.87
N GLY A 208 3.95 -5.16 6.92
CA GLY A 208 2.64 -5.81 6.98
C GLY A 208 1.54 -4.83 6.57
N ASP A 209 0.29 -5.13 6.94
CA ASP A 209 -0.85 -4.31 6.45
C ASP A 209 -1.02 -2.96 7.12
N SER A 210 -0.50 -2.81 8.35
CA SER A 210 -0.92 -1.67 9.19
C SER A 210 -0.77 -0.28 8.59
N PRO A 211 0.37 0.00 7.94
CA PRO A 211 0.60 1.34 7.38
C PRO A 211 0.12 1.49 5.94
N LEU A 212 -0.54 0.47 5.36
CA LEU A 212 -0.92 0.47 3.95
C LEU A 212 -2.40 0.83 3.82
N VAL A 213 -2.66 1.98 3.20
CA VAL A 213 -4.02 2.46 2.94
C VAL A 213 -4.77 1.39 2.16
N GLY A 214 -5.94 1.03 2.68
CA GLY A 214 -6.79 0.02 2.09
C GLY A 214 -6.52 -1.40 2.53
N ALA A 215 -5.37 -1.64 3.16
CA ALA A 215 -5.07 -2.96 3.71
C ALA A 215 -5.37 -2.96 5.23
N GLY A 216 -4.69 -2.09 5.97
CA GLY A 216 -4.79 -2.06 7.42
C GLY A 216 -5.57 -0.87 7.94
N CYS A 217 -5.85 0.08 7.08
CA CYS A 217 -6.47 1.34 7.49
C CYS A 217 -7.16 1.99 6.30
N TYR A 218 -8.39 2.48 6.51
CA TYR A 218 -9.10 3.13 5.43
C TYR A 218 -10.24 3.95 6.03
N ALA A 219 -10.52 5.10 5.44
CA ALA A 219 -11.69 5.85 5.90
C ALA A 219 -12.22 6.69 4.77
N ASN A 220 -13.56 6.68 4.65
CA ASN A 220 -14.29 7.40 3.63
C ASN A 220 -15.69 7.72 4.19
N ASN A 221 -16.00 9.02 4.27
CA ASN A 221 -17.30 9.52 4.79
C ASN A 221 -18.53 8.90 4.16
N ALA A 222 -18.44 8.53 2.89
CA ALA A 222 -19.57 7.96 2.18
C ALA A 222 -19.74 6.47 2.47
N SER A 223 -18.77 5.82 3.13
CA SER A 223 -18.89 4.40 3.43
C SER A 223 -18.56 4.02 4.86
N VAL A 224 -17.26 3.87 5.16
CA VAL A 224 -16.83 3.18 6.36
C VAL A 224 -15.43 3.63 6.78
N ALA A 225 -15.14 3.54 8.08
CA ALA A 225 -13.78 3.71 8.61
C ALA A 225 -13.39 2.34 9.17
N VAL A 226 -12.20 1.89 8.83
CA VAL A 226 -11.75 0.55 9.18
C VAL A 226 -10.30 0.55 9.65
N SER A 227 -10.04 -0.20 10.71
CA SER A 227 -8.67 -0.54 11.16
C SER A 227 -8.59 -2.01 11.44
N CYS A 228 -7.50 -2.63 11.01
CA CYS A 228 -7.36 -4.07 11.05
C CYS A 228 -6.26 -4.46 11.99
N THR A 229 -6.28 -5.74 12.36
CA THR A 229 -5.18 -6.39 13.06
C THR A 229 -5.16 -7.84 12.66
N GLY A 230 -4.01 -8.31 12.24
CA GLY A 230 -3.90 -9.72 11.93
C GLY A 230 -2.63 -10.08 11.20
N THR A 231 -2.71 -11.18 10.47
CA THR A 231 -1.58 -11.73 9.73
C THR A 231 -1.46 -10.90 8.42
N GLY A 232 -0.47 -10.01 8.39
CA GLY A 232 -0.48 -8.90 7.44
C GLY A 232 -0.55 -9.24 5.97
N GLU A 233 0.18 -10.26 5.55
CA GLU A 233 0.29 -10.58 4.13
C GLU A 233 -1.08 -10.80 3.47
N VAL A 234 -1.98 -11.50 4.14
CA VAL A 234 -3.28 -11.82 3.58
C VAL A 234 -4.14 -10.56 3.53
N PHE A 235 -4.00 -9.69 4.52
CA PHE A 235 -4.84 -8.46 4.59
C PHE A 235 -4.42 -7.49 3.45
N ILE A 236 -3.14 -7.52 3.08
CA ILE A 236 -2.65 -6.74 1.94
C ILE A 236 -3.21 -7.33 0.65
N ARG A 237 -3.01 -8.62 0.46
CA ARG A 237 -3.39 -9.26 -0.78
C ARG A 237 -4.86 -9.16 -1.08
N ALA A 238 -5.68 -9.11 -0.02
CA ALA A 238 -7.14 -8.98 -0.14
C ALA A 238 -7.67 -7.55 0.08
N LEU A 239 -6.77 -6.58 0.27
CA LEU A 239 -7.14 -5.20 0.60
C LEU A 239 -8.29 -5.18 1.57
N ALA A 240 -8.06 -5.81 2.73
CA ALA A 240 -9.11 -6.06 3.71
C ALA A 240 -9.93 -4.83 4.03
N ALA A 241 -9.28 -3.73 4.39
CA ALA A 241 -10.02 -2.55 4.86
C ALA A 241 -10.83 -1.88 3.77
N TYR A 242 -10.24 -1.73 2.58
CA TYR A 242 -11.00 -1.16 1.47
C TYR A 242 -12.10 -2.11 0.99
N ASP A 243 -11.87 -3.42 1.08
CA ASP A 243 -12.85 -4.38 0.61
C ASP A 243 -14.18 -4.23 1.34
N ILE A 244 -14.11 -3.92 2.63
CA ILE A 244 -15.30 -3.66 3.43
C ILE A 244 -16.07 -2.51 2.77
N ALA A 245 -15.35 -1.42 2.50
CA ALA A 245 -15.92 -0.22 1.92
C ALA A 245 -16.55 -0.56 0.56
N ALA A 246 -15.80 -1.27 -0.26
CA ALA A 246 -16.24 -1.61 -1.64
C ALA A 246 -17.45 -2.54 -1.64
N LEU A 247 -17.46 -3.51 -0.73
CA LEU A 247 -18.59 -4.42 -0.63
C LEU A 247 -19.88 -3.67 -0.30
N MET A 248 -19.76 -2.72 0.60
CA MET A 248 -20.88 -1.90 0.98
C MET A 248 -21.26 -0.92 -0.12
N ASP A 249 -20.26 -0.20 -0.62
CA ASP A 249 -20.47 0.87 -1.57
C ASP A 249 -20.99 0.33 -2.90
N TYR A 250 -20.34 -0.70 -3.43
CA TYR A 250 -20.72 -1.25 -4.73
C TYR A 250 -21.63 -2.45 -4.66
N GLY A 251 -21.40 -3.32 -3.68
CA GLY A 251 -22.19 -4.53 -3.52
C GLY A 251 -23.52 -4.32 -2.82
N GLY A 252 -23.66 -3.19 -2.15
CA GLY A 252 -24.83 -2.91 -1.34
C GLY A 252 -24.91 -3.74 -0.06
N LEU A 253 -23.82 -4.37 0.37
CA LEU A 253 -23.85 -5.15 1.61
C LEU A 253 -23.98 -4.24 2.81
N SER A 254 -24.67 -4.69 3.84
CA SER A 254 -24.62 -4.00 5.13
C SER A 254 -23.20 -4.12 5.71
N LEU A 255 -22.92 -3.29 6.71
CA LEU A 255 -21.64 -3.38 7.41
C LEU A 255 -21.47 -4.78 7.99
N ALA A 256 -22.52 -5.29 8.60
CA ALA A 256 -22.46 -6.64 9.20
C ALA A 256 -22.17 -7.68 8.13
N GLU A 257 -22.88 -7.60 7.00
CA GLU A 257 -22.66 -8.52 5.89
C GLU A 257 -21.25 -8.41 5.32
N ALA A 258 -20.78 -7.18 5.15
CA ALA A 258 -19.44 -6.95 4.63
C ALA A 258 -18.38 -7.53 5.56
N CYS A 259 -18.57 -7.30 6.86
CA CYS A 259 -17.65 -7.85 7.88
C CYS A 259 -17.60 -9.37 7.87
N GLU A 260 -18.77 -10.00 7.80
CA GLU A 260 -18.85 -11.46 7.72
C GLU A 260 -18.10 -12.00 6.50
N ARG A 261 -18.37 -11.40 5.34
CA ARG A 261 -17.76 -11.84 4.08
C ARG A 261 -16.22 -11.79 4.14
N VAL A 262 -15.68 -10.65 4.58
CA VAL A 262 -14.24 -10.44 4.64
C VAL A 262 -13.55 -11.23 5.75
N VAL A 263 -13.97 -11.01 6.99
CA VAL A 263 -13.27 -11.56 8.14
C VAL A 263 -13.57 -13.05 8.32
N MET A 264 -14.81 -13.47 8.10
CA MET A 264 -15.18 -14.84 8.37
C MET A 264 -15.08 -15.73 7.15
N GLU A 265 -15.03 -15.17 5.95
CA GLU A 265 -14.98 -16.01 4.76
C GLU A 265 -13.72 -15.80 3.91
N LYS A 266 -13.54 -14.62 3.35
CA LYS A 266 -12.45 -14.38 2.38
C LYS A 266 -11.07 -14.53 2.98
N LEU A 267 -10.82 -13.86 4.10
CA LEU A 267 -9.49 -13.93 4.72
C LEU A 267 -9.09 -15.34 5.14
N PRO A 268 -9.95 -16.06 5.90
CA PRO A 268 -9.67 -17.45 6.22
C PRO A 268 -9.40 -18.33 5.00
N ALA A 269 -10.13 -18.10 3.92
CA ALA A 269 -9.96 -18.84 2.68
C ALA A 269 -8.56 -18.62 2.09
N LEU A 270 -7.97 -17.46 2.35
CA LEU A 270 -6.56 -17.23 1.98
C LEU A 270 -5.56 -17.54 3.09
N GLY A 271 -6.03 -18.12 4.18
CA GLY A 271 -5.20 -18.41 5.32
C GLY A 271 -4.90 -17.26 6.26
N GLY A 272 -5.70 -16.20 6.20
CA GLY A 272 -5.48 -15.03 7.05
C GLY A 272 -6.24 -15.16 8.35
N SER A 273 -5.67 -14.61 9.41
CA SER A 273 -6.28 -14.63 10.75
C SER A 273 -6.19 -13.23 11.34
N GLY A 274 -7.18 -12.87 12.11
CA GLY A 274 -7.19 -11.58 12.77
C GLY A 274 -8.60 -11.03 12.81
N GLY A 275 -8.68 -9.72 12.85
CA GLY A 275 -9.98 -9.09 12.91
C GLY A 275 -9.86 -7.66 12.55
N LEU A 276 -10.95 -6.93 12.71
CA LEU A 276 -10.93 -5.52 12.42
C LEU A 276 -12.04 -4.84 13.17
N ILE A 277 -11.99 -3.51 13.16
CA ILE A 277 -13.03 -2.67 13.75
C ILE A 277 -13.52 -1.75 12.64
N ALA A 278 -14.80 -1.39 12.67
CA ALA A 278 -15.37 -0.61 11.60
C ALA A 278 -16.56 0.19 12.07
N ILE A 279 -16.64 1.41 11.58
CA ILE A 279 -17.84 2.24 11.77
C ILE A 279 -18.30 2.73 10.42
N ASP A 280 -19.60 2.61 10.12
CA ASP A 280 -20.11 3.10 8.86
C ASP A 280 -20.77 4.48 8.97
N HIS A 281 -21.07 5.07 7.84
CA HIS A 281 -21.57 6.45 7.82
C HIS A 281 -22.91 6.62 8.53
N GLU A 282 -23.61 5.52 8.78
CA GLU A 282 -24.86 5.56 9.54
C GLU A 282 -24.64 5.27 11.03
N GLY A 283 -23.38 5.15 11.45
CA GLY A 283 -23.08 4.97 12.86
C GLY A 283 -23.19 3.54 13.35
N ASN A 284 -23.36 2.59 12.45
CA ASN A 284 -23.24 1.18 12.81
C ASN A 284 -21.79 0.87 13.14
N VAL A 285 -21.58 0.07 14.19
CA VAL A 285 -20.25 -0.31 14.64
C VAL A 285 -20.14 -1.82 14.61
N ALA A 286 -18.98 -2.33 14.20
CA ALA A 286 -18.74 -3.76 14.11
C ALA A 286 -17.29 -4.03 14.49
N LEU A 287 -17.07 -5.11 15.23
CA LEU A 287 -15.76 -5.49 15.70
C LEU A 287 -15.53 -6.98 15.45
N PRO A 288 -15.56 -7.39 14.17
CA PRO A 288 -15.43 -8.81 13.82
C PRO A 288 -14.02 -9.34 14.03
N PHE A 289 -13.91 -10.60 14.42
CA PHE A 289 -12.61 -11.24 14.52
C PHE A 289 -12.72 -12.73 14.31
N ASN A 290 -11.89 -13.29 13.44
CA ASN A 290 -11.96 -14.73 13.16
C ASN A 290 -11.07 -15.50 14.13
N THR A 291 -10.35 -14.76 14.97
CA THR A 291 -9.56 -15.35 16.05
C THR A 291 -10.46 -15.70 17.24
N GLU A 292 -9.93 -16.34 18.29
CA GLU A 292 -10.75 -16.64 19.47
C GLU A 292 -11.06 -15.36 20.25
N GLY A 293 -10.12 -14.42 20.28
CA GLY A 293 -10.30 -13.17 20.98
C GLY A 293 -9.70 -11.98 20.26
N MET A 294 -10.05 -10.80 20.74
CA MET A 294 -9.47 -9.58 20.25
C MET A 294 -9.63 -8.48 21.29
N TYR A 295 -8.53 -7.80 21.61
CA TYR A 295 -8.57 -6.68 22.53
C TYR A 295 -9.34 -5.55 21.89
N ARG A 296 -10.40 -5.12 22.54
CA ARG A 296 -11.32 -4.21 21.88
C ARG A 296 -12.19 -3.43 22.84
N ALA A 297 -12.75 -2.33 22.33
CA ALA A 297 -13.67 -1.52 23.09
C ALA A 297 -14.40 -0.57 22.14
N TRP A 298 -15.57 -0.13 22.57
CA TRP A 298 -16.33 0.80 21.78
C TRP A 298 -17.38 1.50 22.63
N GLY A 299 -17.82 2.66 22.17
CA GLY A 299 -18.93 3.32 22.82
C GLY A 299 -19.41 4.49 22.03
N TYR A 300 -20.73 4.69 22.06
CA TYR A 300 -21.35 5.87 21.51
C TYR A 300 -21.01 7.06 22.41
N ALA A 301 -20.88 8.24 21.80
CA ALA A 301 -20.75 9.47 22.59
C ALA A 301 -21.92 9.55 23.58
N GLY A 302 -21.58 9.71 24.85
CA GLY A 302 -22.60 9.96 25.86
C GLY A 302 -23.17 8.71 26.49
N ASP A 303 -22.76 7.53 26.03
CA ASP A 303 -23.21 6.28 26.61
C ASP A 303 -22.03 5.64 27.29
N THR A 304 -22.27 4.56 28.03
CA THR A 304 -21.17 3.88 28.70
C THR A 304 -20.53 2.98 27.67
N PRO A 305 -19.20 2.88 27.73
CA PRO A 305 -18.51 2.05 26.76
C PRO A 305 -18.62 0.57 27.08
N THR A 306 -18.16 -0.25 26.14
CA THR A 306 -18.06 -1.69 26.31
C THR A 306 -16.63 -2.10 25.95
N THR A 307 -16.08 -3.05 26.69
CA THR A 307 -14.73 -3.55 26.44
C THR A 307 -14.81 -5.05 26.27
N GLY A 308 -13.83 -5.62 25.60
CA GLY A 308 -13.75 -7.08 25.52
C GLY A 308 -12.36 -7.57 25.21
N ILE A 309 -12.10 -8.81 25.57
CA ILE A 309 -10.85 -9.48 25.18
C ILE A 309 -11.19 -10.81 24.53
N TYR A 310 -12.12 -11.55 25.13
CA TYR A 310 -12.37 -12.92 24.73
C TYR A 310 -13.56 -13.00 23.76
N ARG A 311 -14.28 -14.11 23.73
CA ARG A 311 -15.38 -14.27 22.76
C ARG A 311 -16.48 -13.33 23.12
N GLU A 312 -17.29 -12.93 22.16
CA GLU A 312 -18.51 -12.21 22.50
C GLU A 312 -19.52 -13.23 23.09
N LYS A 313 -20.50 -12.78 23.86
CA LYS A 313 -21.52 -13.74 24.32
C LYS A 313 -22.60 -13.92 23.26
N GLY B 1 -10.29 -15.36 -21.68
CA GLY B 1 -10.27 -15.06 -23.14
C GLY B 1 -8.88 -15.14 -23.77
N LYS B 2 -8.74 -14.56 -24.96
CA LYS B 2 -7.50 -14.66 -25.76
C LYS B 2 -6.29 -13.99 -25.08
N ALA B 3 -5.12 -14.63 -25.17
CA ALA B 3 -3.88 -14.14 -24.53
C ALA B 3 -3.48 -12.77 -25.08
N VAL B 4 -3.08 -11.87 -24.18
CA VAL B 4 -2.84 -10.49 -24.54
C VAL B 4 -1.93 -9.85 -23.50
N ILE B 5 -1.10 -8.92 -23.96
CA ILE B 5 -0.21 -8.13 -23.11
C ILE B 5 -0.43 -6.64 -23.38
N ALA B 6 -0.39 -5.83 -22.33
CA ALA B 6 -0.21 -4.37 -22.46
C ALA B 6 0.94 -3.91 -21.59
N ILE B 7 1.61 -2.84 -22.02
CA ILE B 7 2.68 -2.20 -21.26
C ILE B 7 2.46 -0.68 -21.25
N HIS B 8 3.08 -0.02 -20.27
CA HIS B 8 3.19 1.44 -20.22
C HIS B 8 4.59 1.81 -19.77
N GLY B 9 4.99 3.02 -20.14
CA GLY B 9 6.27 3.57 -19.74
C GLY B 9 6.13 4.95 -19.16
N GLY B 10 4.93 5.29 -18.69
CA GLY B 10 4.65 6.58 -18.07
C GLY B 10 3.67 7.47 -18.82
N ALA B 11 3.23 8.53 -18.13
CA ALA B 11 2.18 9.44 -18.63
C ALA B 11 2.66 10.87 -18.56
N GLY B 12 1.99 11.78 -19.27
CA GLY B 12 2.40 13.16 -19.27
C GLY B 12 1.74 14.04 -20.30
N ALA B 13 2.14 15.31 -20.28
CA ALA B 13 1.69 16.29 -21.22
C ALA B 13 2.47 16.06 -22.51
N ILE B 14 1.83 16.33 -23.63
CA ILE B 14 2.45 16.19 -24.95
C ILE B 14 3.49 17.28 -25.15
N SER B 15 4.71 16.85 -25.53
CA SER B 15 5.84 17.74 -25.77
CA SER B 15 5.82 17.77 -25.80
C SER B 15 6.39 17.54 -27.20
N ARG B 16 5.50 17.17 -28.12
CA ARG B 16 5.85 16.91 -29.51
C ARG B 16 6.60 18.04 -30.26
N ALA B 17 6.20 19.30 -30.06
CA ALA B 17 6.80 20.40 -30.80
C ALA B 17 8.33 20.46 -30.64
N GLN B 18 8.82 19.97 -29.50
CA GLN B 18 10.24 19.99 -29.21
CA GLN B 18 10.25 19.96 -29.19
C GLN B 18 10.95 18.73 -29.76
N MET B 19 10.17 17.74 -30.24
CA MET B 19 10.75 16.49 -30.75
C MET B 19 10.91 16.49 -32.27
N SER B 20 11.87 15.70 -32.76
CA SER B 20 11.94 15.33 -34.17
C SER B 20 11.22 13.98 -34.31
N LEU B 21 10.78 13.62 -35.52
CA LEU B 21 10.16 12.32 -35.75
C LEU B 21 11.07 11.17 -35.35
N GLN B 22 12.33 11.28 -35.75
CA GLN B 22 13.33 10.26 -35.47
C GLN B 22 13.47 10.02 -33.97
N GLN B 23 13.38 11.08 -33.17
CA GLN B 23 13.39 10.91 -31.71
C GLN B 23 12.16 10.11 -31.24
N GLU B 24 10.99 10.49 -31.74
CA GLU B 24 9.77 9.76 -31.45
C GLU B 24 9.84 8.29 -31.87
N LEU B 25 10.47 8.03 -33.01
CA LEU B 25 10.57 6.67 -33.51
C LEU B 25 11.34 5.77 -32.56
N ARG B 26 12.32 6.35 -31.87
CA ARG B 26 13.13 5.60 -30.91
CA ARG B 26 13.13 5.60 -30.91
C ARG B 26 12.24 5.10 -29.77
N TYR B 27 11.33 5.96 -29.31
CA TYR B 27 10.36 5.59 -28.27
C TYR B 27 9.34 4.56 -28.75
N ILE B 28 8.84 4.74 -29.98
CA ILE B 28 7.91 3.78 -30.53
C ILE B 28 8.63 2.43 -30.65
N GLU B 29 9.86 2.44 -31.16
CA GLU B 29 10.59 1.17 -31.30
CA GLU B 29 10.68 1.23 -31.32
C GLU B 29 10.88 0.52 -29.96
N ALA B 30 11.20 1.31 -28.94
CA ALA B 30 11.46 0.75 -27.61
C ALA B 30 10.22 0.04 -27.07
N LEU B 31 9.08 0.72 -27.13
CA LEU B 31 7.82 0.14 -26.75
C LEU B 31 7.50 -1.11 -27.59
N SER B 32 7.62 -0.98 -28.90
CA SER B 32 7.28 -2.09 -29.80
C SER B 32 8.08 -3.37 -29.54
N ALA B 33 9.41 -3.26 -29.41
CA ALA B 33 10.24 -4.43 -29.14
C ALA B 33 9.82 -5.16 -27.88
N ILE B 34 9.50 -4.42 -26.82
CA ILE B 34 9.15 -5.02 -25.53
C ILE B 34 7.80 -5.73 -25.64
N VAL B 35 6.80 -5.06 -26.20
CA VAL B 35 5.50 -5.67 -26.36
C VAL B 35 5.60 -6.93 -27.26
N GLU B 36 6.39 -6.86 -28.33
CA GLU B 36 6.62 -8.01 -29.21
C GLU B 36 7.23 -9.20 -28.47
N THR B 37 8.19 -8.92 -27.61
CA THR B 37 8.81 -9.96 -26.79
C THR B 37 7.77 -10.65 -25.91
N GLY B 38 6.90 -9.85 -25.30
CA GLY B 38 5.82 -10.38 -24.46
C GLY B 38 4.86 -11.25 -25.24
N GLN B 39 4.47 -10.76 -26.43
CA GLN B 39 3.56 -11.49 -27.29
C GLN B 39 4.13 -12.86 -27.66
N LYS B 40 5.38 -12.83 -28.06
CA LYS B 40 6.11 -14.04 -28.40
C LYS B 40 6.09 -15.03 -27.23
N MET B 41 6.40 -14.55 -26.04
CA MET B 41 6.40 -15.42 -24.86
C MET B 41 5.01 -16.02 -24.60
N LEU B 42 3.98 -15.19 -24.68
CA LEU B 42 2.58 -15.62 -24.51
C LEU B 42 2.19 -16.66 -25.53
N GLU B 43 2.54 -16.43 -26.79
CA GLU B 43 2.29 -17.40 -27.87
C GLU B 43 3.00 -18.72 -27.60
N ALA B 44 4.20 -18.65 -27.03
CA ALA B 44 4.98 -19.84 -26.73
C ALA B 44 4.47 -20.55 -25.48
N GLY B 45 3.38 -20.06 -24.91
CA GLY B 45 2.78 -20.68 -23.73
C GLY B 45 3.38 -20.28 -22.40
N GLU B 46 4.15 -19.19 -22.36
CA GLU B 46 4.74 -18.73 -21.10
C GLU B 46 3.70 -18.10 -20.18
N SER B 47 3.94 -18.16 -18.87
CA SER B 47 3.00 -17.67 -17.88
C SER B 47 2.85 -16.14 -17.89
N ALA B 48 1.65 -15.66 -17.60
CA ALA B 48 1.41 -14.22 -17.43
C ALA B 48 2.43 -13.62 -16.45
N LEU B 49 2.70 -14.32 -15.36
CA LEU B 49 3.65 -13.85 -14.36
C LEU B 49 5.05 -13.68 -14.94
N ASP B 50 5.50 -14.66 -15.70
CA ASP B 50 6.80 -14.57 -16.33
C ASP B 50 6.86 -13.47 -17.37
N VAL B 51 5.77 -13.32 -18.12
CA VAL B 51 5.65 -12.27 -19.13
C VAL B 51 5.69 -10.86 -18.56
N VAL B 52 4.93 -10.59 -17.52
CA VAL B 52 4.89 -9.22 -16.98
C VAL B 52 6.21 -8.91 -16.27
N THR B 53 6.83 -9.93 -15.69
CA THR B 53 8.11 -9.76 -15.03
C THR B 53 9.14 -9.35 -16.10
N GLU B 54 9.19 -10.12 -17.19
CA GLU B 54 10.16 -9.88 -18.24
C GLU B 54 9.95 -8.55 -18.92
N ALA B 55 8.70 -8.14 -19.12
CA ALA B 55 8.40 -6.90 -19.83
C ALA B 55 8.84 -5.72 -18.99
N VAL B 56 8.52 -5.78 -17.71
CA VAL B 56 8.93 -4.72 -16.79
C VAL B 56 10.46 -4.67 -16.63
N ARG B 57 11.09 -5.83 -16.58
CA ARG B 57 12.56 -5.90 -16.57
C ARG B 57 13.14 -5.18 -17.78
N LEU B 58 12.56 -5.42 -18.96
CA LEU B 58 13.04 -4.78 -20.19
C LEU B 58 12.77 -3.26 -20.16
N LEU B 59 11.66 -2.89 -19.57
CA LEU B 59 11.33 -1.46 -19.40
C LEU B 59 12.27 -0.77 -18.36
N GLU B 60 12.66 -1.49 -17.31
CA GLU B 60 13.69 -0.98 -16.38
C GLU B 60 15.03 -0.80 -17.11
N GLU B 61 15.39 -1.77 -17.92
CA GLU B 61 16.62 -1.67 -18.67
C GLU B 61 16.62 -0.51 -19.65
N CYS B 62 15.45 -0.18 -20.19
CA CYS B 62 15.36 0.88 -21.17
C CYS B 62 15.50 2.25 -20.52
N PRO B 63 16.56 3.01 -20.88
CA PRO B 63 16.86 4.28 -20.19
C PRO B 63 15.84 5.42 -20.43
N LEU B 64 14.92 5.23 -21.37
CA LEU B 64 13.91 6.24 -21.70
C LEU B 64 12.82 6.31 -20.67
N PHE B 65 12.61 5.25 -19.89
CA PHE B 65 11.51 5.22 -18.95
C PHE B 65 11.96 5.19 -17.49
N ASN B 66 11.21 5.89 -16.66
CA ASN B 66 11.51 6.03 -15.24
C ASN B 66 11.34 4.79 -14.37
N ALA B 67 12.32 3.87 -14.49
CA ALA B 67 12.36 2.67 -13.69
C ALA B 67 13.71 2.04 -14.03
N GLY B 68 14.41 1.54 -13.00
CA GLY B 68 15.75 0.97 -13.23
C GLY B 68 16.67 2.00 -13.88
N ILE B 69 17.33 1.57 -14.94
CA ILE B 69 18.19 2.46 -15.75
C ILE B 69 17.30 3.55 -16.33
N GLY B 70 17.65 4.80 -16.04
CA GLY B 70 16.81 5.96 -16.42
C GLY B 70 15.94 6.47 -15.30
N ALA B 71 16.15 5.97 -14.09
CA ALA B 71 15.45 6.42 -12.90
C ALA B 71 15.67 7.92 -12.67
N VAL B 72 14.58 8.60 -12.31
CA VAL B 72 14.66 9.98 -11.86
C VAL B 72 15.52 10.11 -10.59
N PHE B 73 15.94 11.33 -10.28
CA PHE B 73 16.77 11.60 -9.11
C PHE B 73 15.96 12.21 -7.99
N THR B 74 16.32 11.84 -6.76
CA THR B 74 15.79 12.48 -5.60
C THR B 74 16.45 13.83 -5.37
N ARG B 75 15.88 14.54 -4.41
CA ARG B 75 16.39 15.80 -3.89
C ARG B 75 17.89 15.76 -3.60
N ASP B 76 18.39 14.60 -3.20
CA ASP B 76 19.79 14.42 -2.81
C ASP B 76 20.66 13.84 -3.92
N GLU B 77 20.15 13.85 -5.15
CA GLU B 77 20.82 13.27 -6.33
C GLU B 77 21.09 11.79 -6.17
N THR B 78 20.16 11.11 -5.51
CA THR B 78 20.24 9.69 -5.32
C THR B 78 19.10 9.09 -6.14
N HIS B 79 19.12 7.76 -6.27
CA HIS B 79 18.03 7.01 -6.85
C HIS B 79 17.46 6.08 -5.77
N GLU B 80 16.14 6.13 -5.61
CA GLU B 80 15.39 5.18 -4.76
C GLU B 80 14.31 4.56 -5.63
N LEU B 81 14.40 3.25 -5.84
CA LEU B 81 13.51 2.53 -6.77
C LEU B 81 12.50 1.66 -6.02
N ASP B 82 11.35 1.43 -6.66
CA ASP B 82 10.22 0.70 -6.09
C ASP B 82 9.59 -0.18 -7.16
N ALA B 83 9.07 -1.34 -6.77
CA ALA B 83 8.41 -2.26 -7.72
C ALA B 83 7.43 -3.21 -7.02
N CYS B 84 6.49 -3.73 -7.81
CA CYS B 84 5.47 -4.65 -7.33
C CYS B 84 5.17 -5.65 -8.45
N VAL B 85 4.83 -6.88 -8.09
CA VAL B 85 4.37 -7.91 -9.01
C VAL B 85 3.25 -8.70 -8.30
N MET B 86 2.21 -9.08 -9.03
CA MET B 86 1.08 -9.79 -8.44
C MET B 86 0.59 -10.86 -9.37
N ASP B 87 0.40 -12.04 -8.82
CA ASP B 87 -0.05 -13.21 -9.55
C ASP B 87 -1.53 -13.40 -9.30
N GLY B 88 -2.34 -13.30 -10.34
CA GLY B 88 -3.80 -13.40 -10.21
C GLY B 88 -4.33 -14.78 -9.90
N ASN B 89 -3.50 -15.81 -10.08
CA ASN B 89 -3.88 -17.21 -9.86
C ASN B 89 -3.81 -17.60 -8.41
N THR B 90 -2.81 -17.08 -7.70
CA THR B 90 -2.62 -17.36 -6.27
C THR B 90 -2.93 -16.15 -5.39
N LEU B 91 -3.00 -14.98 -5.99
CA LEU B 91 -3.19 -13.69 -5.29
C LEU B 91 -1.97 -13.34 -4.44
N LYS B 92 -0.88 -14.06 -4.66
CA LYS B 92 0.38 -13.65 -4.10
C LYS B 92 0.92 -12.43 -4.80
N ALA B 93 1.74 -11.71 -4.06
CA ALA B 93 2.31 -10.45 -4.51
C ALA B 93 3.65 -10.29 -3.85
N GLY B 94 4.52 -9.55 -4.51
CA GLY B 94 5.82 -9.23 -3.95
C GLY B 94 6.17 -7.82 -4.33
N ALA B 95 6.73 -7.07 -3.38
CA ALA B 95 6.98 -5.64 -3.58
C ALA B 95 8.25 -5.21 -2.83
N VAL B 96 9.03 -4.35 -3.47
CA VAL B 96 10.12 -3.64 -2.83
C VAL B 96 9.91 -2.11 -2.98
N ALA B 97 10.28 -1.36 -1.94
CA ALA B 97 10.31 0.09 -1.98
C ALA B 97 11.59 0.62 -1.36
N GLY B 98 12.14 1.66 -1.98
CA GLY B 98 13.24 2.41 -1.40
C GLY B 98 14.57 1.70 -1.58
N VAL B 99 14.71 0.95 -2.67
CA VAL B 99 15.94 0.24 -2.94
C VAL B 99 16.84 0.98 -3.95
N SER B 100 18.14 0.93 -3.69
CA SER B 100 19.15 1.68 -4.41
C SER B 100 20.28 0.83 -4.99
N HIS B 101 20.40 -0.42 -4.55
CA HIS B 101 21.54 -1.28 -4.89
C HIS B 101 21.18 -2.57 -5.62
N LEU B 102 20.03 -2.56 -6.25
CA LEU B 102 19.54 -3.69 -7.04
C LEU B 102 19.20 -3.18 -8.42
N ARG B 103 19.79 -3.81 -9.44
CA ARG B 103 19.62 -3.34 -10.82
C ARG B 103 18.16 -3.41 -11.26
N ASN B 104 17.48 -4.51 -10.92
CA ASN B 104 16.12 -4.76 -11.40
C ASN B 104 15.14 -4.97 -10.25
N PRO B 105 14.54 -3.87 -9.77
CA PRO B 105 13.59 -3.99 -8.67
C PRO B 105 12.47 -5.02 -8.90
N VAL B 106 11.97 -5.17 -10.13
CA VAL B 106 10.87 -6.09 -10.35
C VAL B 106 11.34 -7.54 -10.05
N LEU B 107 12.61 -7.80 -10.32
CA LEU B 107 13.13 -9.12 -10.03
C LEU B 107 13.21 -9.34 -8.52
N ALA B 108 13.53 -8.27 -7.80
CA ALA B 108 13.60 -8.33 -6.33
C ALA B 108 12.20 -8.52 -5.75
N ALA B 109 11.25 -7.74 -6.26
CA ALA B 109 9.85 -7.94 -5.91
C ALA B 109 9.40 -9.40 -6.09
N ARG B 110 9.75 -9.99 -7.23
CA ARG B 110 9.38 -11.38 -7.55
C ARG B 110 10.04 -12.34 -6.57
N LEU B 111 11.23 -11.98 -6.14
CA LEU B 111 11.96 -12.73 -5.10
C LEU B 111 11.24 -12.67 -3.75
N VAL B 112 10.74 -11.49 -3.39
CA VAL B 112 9.91 -11.34 -2.18
C VAL B 112 8.67 -12.25 -2.29
N MET B 113 8.06 -12.30 -3.46
CA MET B 113 6.87 -13.12 -3.63
C MET B 113 7.25 -14.58 -3.52
N GLU B 114 8.24 -14.99 -4.27
CA GLU B 114 8.53 -16.43 -4.37
C GLU B 114 9.47 -17.01 -3.35
N GLN B 115 10.36 -16.21 -2.76
CA GLN B 115 11.38 -16.82 -1.89
C GLN B 115 11.35 -16.21 -0.50
N SER B 116 10.21 -15.65 -0.13
CA SER B 116 9.96 -15.23 1.26
C SER B 116 8.50 -15.47 1.56
N PRO B 117 8.15 -15.61 2.84
CA PRO B 117 6.78 -15.70 3.24
C PRO B 117 6.08 -14.29 3.29
N HIS B 118 6.72 -13.28 2.72
CA HIS B 118 6.25 -11.92 2.84
C HIS B 118 5.73 -11.34 1.54
N VAL B 119 5.09 -10.19 1.62
CA VAL B 119 4.59 -9.51 0.46
C VAL B 119 5.40 -8.24 0.15
N MET B 120 5.91 -7.57 1.18
CA MET B 120 6.60 -6.33 0.96
C MET B 120 7.79 -6.13 1.86
N MET B 121 8.87 -5.66 1.24
CA MET B 121 10.13 -5.39 1.91
CA MET B 121 10.09 -5.37 1.94
C MET B 121 10.64 -4.01 1.52
N ILE B 122 11.19 -3.27 2.48
CA ILE B 122 11.73 -1.94 2.19
C ILE B 122 13.21 -1.74 2.52
N GLY B 123 13.82 -0.82 1.77
CA GLY B 123 15.15 -0.31 2.01
C GLY B 123 16.25 -1.33 2.09
N GLU B 124 17.16 -1.09 3.02
CA GLU B 124 18.32 -1.96 3.17
C GLU B 124 17.94 -3.38 3.53
N GLY B 125 16.85 -3.53 4.31
CA GLY B 125 16.32 -4.86 4.64
C GLY B 125 15.98 -5.66 3.39
N ALA B 126 15.30 -5.01 2.47
CA ALA B 126 14.95 -5.62 1.19
C ALA B 126 16.22 -5.97 0.41
N GLU B 127 17.19 -5.05 0.42
CA GLU B 127 18.43 -5.26 -0.32
C GLU B 127 19.16 -6.46 0.24
N ASN B 128 19.33 -6.47 1.56
CA ASN B 128 20.00 -7.56 2.24
C ASN B 128 19.32 -8.90 1.96
N PHE B 129 17.98 -8.90 1.96
CA PHE B 129 17.26 -10.14 1.67
C PHE B 129 17.58 -10.59 0.25
N ALA B 130 17.53 -9.69 -0.73
CA ALA B 130 17.89 -10.03 -2.13
C ALA B 130 19.34 -10.57 -2.25
N PHE B 131 20.28 -9.92 -1.57
CA PHE B 131 21.68 -10.33 -1.65
C PHE B 131 21.80 -11.73 -1.11
N ALA B 132 21.11 -12.00 0.01
CA ALA B 132 21.09 -13.30 0.64
C ALA B 132 20.54 -14.34 -0.32
N ARG B 133 19.67 -13.94 -1.25
CA ARG B 133 19.24 -14.87 -2.29
C ARG B 133 20.14 -14.87 -3.54
N GLY B 134 21.35 -14.31 -3.46
CA GLY B 134 22.26 -14.29 -4.60
C GLY B 134 22.01 -13.21 -5.64
N MET B 135 21.18 -12.24 -5.34
CA MET B 135 21.03 -11.16 -6.29
C MET B 135 22.21 -10.19 -6.15
N GLU B 136 22.73 -9.74 -7.28
CA GLU B 136 23.90 -8.86 -7.33
C GLU B 136 23.68 -7.48 -6.72
N ARG B 137 24.69 -7.03 -5.98
CA ARG B 137 24.68 -5.66 -5.49
C ARG B 137 25.31 -4.72 -6.51
N VAL B 138 24.61 -3.65 -6.85
CA VAL B 138 25.13 -2.65 -7.78
C VAL B 138 25.25 -1.31 -7.08
N SER B 139 26.01 -0.41 -7.69
CA SER B 139 26.04 0.97 -7.24
C SER B 139 24.96 1.72 -8.00
N PRO B 140 24.20 2.59 -7.31
CA PRO B 140 23.12 3.33 -7.97
C PRO B 140 23.53 4.28 -9.09
N GLU B 141 24.82 4.60 -9.17
CA GLU B 141 25.31 5.38 -10.31
C GLU B 141 24.94 4.74 -11.66
N ILE B 142 24.75 3.43 -11.70
CA ILE B 142 24.34 2.77 -12.95
C ILE B 142 23.02 3.27 -13.49
N PHE B 143 22.15 3.79 -12.64
CA PHE B 143 20.83 4.24 -13.07
C PHE B 143 20.85 5.63 -13.68
N SER B 144 21.90 6.38 -13.38
CA SER B 144 21.95 7.80 -13.70
C SER B 144 22.03 8.12 -15.21
N THR B 145 21.22 9.07 -15.65
CA THR B 145 21.20 9.51 -17.03
C THR B 145 21.14 11.02 -17.09
N SER B 146 21.66 11.55 -18.19
CA SER B 146 21.72 12.97 -18.41
C SER B 146 20.33 13.66 -18.52
N LEU B 147 19.38 12.99 -19.19
CA LEU B 147 18.01 13.49 -19.31
C LEU B 147 17.42 13.73 -17.93
N ARG B 148 17.57 12.77 -17.04
CA ARG B 148 16.95 12.86 -15.73
C ARG B 148 17.69 13.83 -14.81
N TYR B 149 19.00 13.93 -15.00
CA TYR B 149 19.76 14.88 -14.20
C TYR B 149 19.34 16.31 -14.52
N GLU B 150 19.15 16.56 -15.81
CA GLU B 150 18.72 17.88 -16.26
C GLU B 150 17.32 18.20 -15.76
N GLN B 151 16.48 17.19 -15.71
CA GLN B 151 15.16 17.39 -15.14
C GLN B 151 15.25 17.79 -13.67
N LEU B 152 16.20 17.21 -12.94
CA LEU B 152 16.44 17.59 -11.53
C LEU B 152 16.90 19.04 -11.42
N LEU B 153 17.85 19.44 -12.27
CA LEU B 153 18.32 20.81 -12.28
C LEU B 153 17.18 21.78 -12.56
N ALA B 154 16.34 21.47 -13.55
CA ALA B 154 15.21 22.34 -13.88
C ALA B 154 14.23 22.46 -12.67
N ALA B 155 13.92 21.33 -12.03
CA ALA B 155 13.09 21.32 -10.83
C ALA B 155 13.67 22.21 -9.73
N ARG B 156 14.99 22.24 -9.60
CA ARG B 156 15.64 23.03 -8.56
C ARG B 156 15.66 24.52 -8.84
N LYS B 157 15.68 24.92 -10.09
CA LYS B 157 15.67 26.36 -10.45
C LYS B 157 14.33 27.00 -10.10
N GLU B 158 14.35 28.30 -9.80
CA GLU B 158 13.18 28.95 -9.20
C GLU B 158 12.20 29.60 -10.19
N GLY B 159 11.07 28.91 -10.38
CA GLY B 159 10.05 29.26 -11.37
C GLY B 159 9.69 28.10 -12.28
N ALA B 160 8.94 28.39 -13.34
CA ALA B 160 8.55 27.38 -14.34
C ALA B 160 9.70 27.14 -15.33
N GLY B 167 14.89 16.71 -24.06
CA GLY B 167 13.61 16.39 -23.46
C GLY B 167 13.07 15.10 -24.07
N ALA B 168 11.80 14.84 -23.82
CA ALA B 168 11.16 13.60 -24.19
C ALA B 168 9.82 13.97 -24.82
N PRO B 169 9.20 13.02 -25.52
CA PRO B 169 7.91 13.29 -26.14
C PRO B 169 6.80 13.68 -25.18
N LEU B 170 6.80 13.09 -23.99
CA LEU B 170 5.86 13.47 -22.93
C LEU B 170 6.61 14.17 -21.79
N ASP B 171 5.97 15.18 -21.19
CA ASP B 171 6.43 15.81 -19.95
C ASP B 171 5.74 15.14 -18.77
N GLU B 172 6.50 14.30 -18.06
CA GLU B 172 6.01 13.55 -16.90
C GLU B 172 5.81 14.43 -15.67
N LYS B 173 6.17 15.71 -15.79
CA LYS B 173 6.17 16.63 -14.65
C LYS B 173 7.13 15.97 -13.64
N GLN B 174 6.80 15.85 -12.38
N GLN B 174 6.77 15.86 -12.38
CA GLN B 174 7.82 15.24 -11.53
CA GLN B 174 7.74 15.26 -11.44
C GLN B 174 7.55 13.76 -11.26
C GLN B 174 7.55 13.76 -11.32
N LYS B 175 6.29 13.35 -11.38
CA LYS B 175 5.81 12.10 -10.80
C LYS B 175 5.31 11.05 -11.75
N MET B 176 4.94 11.41 -12.97
CA MET B 176 4.05 10.54 -13.77
C MET B 176 4.73 9.46 -14.60
N GLY B 177 6.06 9.39 -14.49
CA GLY B 177 6.84 8.36 -15.15
C GLY B 177 6.90 7.13 -14.27
N ALA B 178 6.57 5.99 -14.85
CA ALA B 178 6.80 4.70 -14.24
C ALA B 178 6.70 3.72 -15.38
N VAL B 179 6.81 2.43 -15.11
CA VAL B 179 6.62 1.45 -16.14
C VAL B 179 5.75 0.31 -15.57
N GLY B 180 5.17 -0.47 -16.47
CA GLY B 180 4.33 -1.56 -16.02
C GLY B 180 3.90 -2.47 -17.13
N ALA B 181 3.37 -3.61 -16.75
CA ALA B 181 2.88 -4.60 -17.71
C ALA B 181 1.74 -5.40 -17.08
N VAL B 182 0.77 -5.74 -17.92
CA VAL B 182 -0.30 -6.64 -17.56
C VAL B 182 -0.41 -7.67 -18.69
N ALA B 183 -0.78 -8.89 -18.32
CA ALA B 183 -0.90 -9.99 -19.29
C ALA B 183 -1.96 -11.03 -18.85
N LEU B 184 -2.64 -11.57 -19.84
CA LEU B 184 -3.45 -12.79 -19.75
C LEU B 184 -2.77 -13.87 -20.57
N ASP B 185 -2.49 -15.04 -19.95
CA ASP B 185 -1.79 -16.11 -20.67
C ASP B 185 -2.75 -17.15 -21.27
N LEU B 186 -2.20 -18.11 -22.01
CA LEU B 186 -3.02 -19.14 -22.64
C LEU B 186 -3.73 -20.05 -21.63
N ASP B 187 -3.25 -20.10 -20.39
CA ASP B 187 -3.91 -20.87 -19.34
C ASP B 187 -4.99 -20.08 -18.60
N GLY B 188 -5.25 -18.84 -18.99
CA GLY B 188 -6.28 -18.02 -18.34
C GLY B 188 -5.83 -17.25 -17.10
N ASN B 189 -4.53 -17.18 -16.86
CA ASN B 189 -4.01 -16.42 -15.69
C ASN B 189 -3.73 -14.96 -16.01
N LEU B 190 -4.05 -14.10 -15.04
CA LEU B 190 -3.74 -12.67 -15.11
C LEU B 190 -2.56 -12.35 -14.17
N ALA B 191 -1.68 -11.46 -14.61
CA ALA B 191 -0.61 -10.94 -13.76
C ALA B 191 -0.35 -9.47 -14.09
N ALA B 192 0.24 -8.78 -13.11
CA ALA B 192 0.58 -7.36 -13.23
C ALA B 192 1.91 -7.09 -12.58
N ALA B 193 2.67 -6.16 -13.14
CA ALA B 193 3.90 -5.68 -12.53
C ALA B 193 4.08 -4.18 -12.82
N THR B 194 4.72 -3.50 -11.88
CA THR B 194 4.93 -2.07 -11.94
C THR B 194 6.31 -1.80 -11.34
N SER B 195 7.07 -0.89 -11.95
CA SER B 195 8.35 -0.43 -11.39
C SER B 195 8.50 1.08 -11.64
N THR B 196 9.19 1.77 -10.73
CA THR B 196 9.43 3.20 -10.83
C THR B 196 10.75 3.61 -10.20
N GLY B 197 11.32 4.70 -10.71
CA GLY B 197 12.38 5.43 -10.03
C GLY B 197 11.80 6.50 -9.09
N GLY B 198 10.49 6.69 -9.09
CA GLY B 198 9.88 7.59 -8.12
C GLY B 198 9.53 8.91 -8.73
N MET B 199 10.00 10.00 -8.12
CA MET B 199 9.74 11.34 -8.64
C MET B 199 10.99 12.24 -8.60
N THR B 200 11.13 13.06 -9.63
CA THR B 200 12.21 14.02 -9.68
C THR B 200 12.13 14.97 -8.49
N ASN B 201 13.28 15.12 -7.82
CA ASN B 201 13.46 15.95 -6.65
C ASN B 201 12.67 15.44 -5.44
N LYS B 202 12.40 14.13 -5.43
CA LYS B 202 11.72 13.51 -4.30
C LYS B 202 12.37 13.73 -2.95
N LEU B 203 11.53 13.97 -1.96
CA LEU B 203 11.95 13.89 -0.56
C LEU B 203 12.38 12.44 -0.29
N PRO B 204 13.65 12.22 0.10
CA PRO B 204 14.04 10.83 0.34
C PRO B 204 13.12 10.09 1.34
N GLY B 205 12.79 8.85 1.01
CA GLY B 205 11.87 8.04 1.81
C GLY B 205 10.40 8.08 1.42
N ARG B 206 10.04 8.94 0.45
CA ARG B 206 8.68 9.02 -0.01
C ARG B 206 8.37 7.82 -0.89
N VAL B 207 7.15 7.31 -0.75
CA VAL B 207 6.69 6.18 -1.51
C VAL B 207 5.42 6.62 -2.23
N GLY B 208 5.40 6.38 -3.54
CA GLY B 208 4.21 6.49 -4.39
C GLY B 208 3.40 5.19 -4.56
N ASP B 209 2.60 5.12 -5.62
CA ASP B 209 1.62 4.04 -5.72
C ASP B 209 2.25 2.74 -6.23
N SER B 210 3.38 2.85 -6.91
CA SER B 210 3.91 1.75 -7.71
C SER B 210 4.16 0.42 -6.98
N PRO B 211 4.74 0.46 -5.76
CA PRO B 211 5.01 -0.77 -5.05
C PRO B 211 3.84 -1.23 -4.16
N LEU B 212 2.75 -0.49 -4.18
CA LEU B 212 1.66 -0.74 -3.22
C LEU B 212 0.56 -1.53 -3.89
N VAL B 213 0.36 -2.75 -3.39
CA VAL B 213 -0.67 -3.64 -3.87
C VAL B 213 -2.03 -2.97 -3.76
N GLY B 214 -2.78 -2.95 -4.86
CA GLY B 214 -4.10 -2.31 -4.87
C GLY B 214 -4.09 -0.85 -5.27
N ALA B 215 -2.91 -0.21 -5.20
CA ALA B 215 -2.76 1.19 -5.60
C ALA B 215 -2.16 1.24 -7.01
N GLY B 216 -0.93 0.76 -7.15
CA GLY B 216 -0.25 0.84 -8.44
C GLY B 216 -0.22 -0.45 -9.22
N CYS B 217 -0.58 -1.56 -8.55
CA CYS B 217 -0.44 -2.89 -9.11
C CYS B 217 -1.47 -3.83 -8.46
N TYR B 218 -2.17 -4.62 -9.28
CA TYR B 218 -3.14 -5.58 -8.79
C TYR B 218 -3.46 -6.60 -9.87
N ALA B 219 -3.67 -7.84 -9.45
CA ALA B 219 -4.09 -8.90 -10.39
C ALA B 219 -4.87 -9.95 -9.64
N ASN B 220 -5.99 -10.37 -10.24
CA ASN B 220 -6.86 -11.42 -9.70
C ASN B 220 -7.53 -12.09 -10.90
N ASN B 221 -7.31 -13.38 -11.05
CA ASN B 221 -7.89 -14.14 -12.16
C ASN B 221 -9.40 -14.01 -12.33
N ALA B 222 -10.10 -13.71 -11.24
CA ALA B 222 -11.57 -13.54 -11.28
C ALA B 222 -12.02 -12.18 -11.78
N SER B 223 -11.08 -11.25 -11.94
CA SER B 223 -11.48 -9.91 -12.32
C SER B 223 -10.52 -9.32 -13.35
N VAL B 224 -9.40 -8.79 -12.88
CA VAL B 224 -8.59 -7.89 -13.69
C VAL B 224 -7.13 -7.89 -13.25
N ALA B 225 -6.26 -7.56 -14.20
CA ALA B 225 -4.87 -7.18 -13.89
C ALA B 225 -4.72 -5.70 -14.25
N VAL B 226 -4.10 -4.93 -13.35
CA VAL B 226 -3.92 -3.50 -13.49
C VAL B 226 -2.51 -3.02 -13.10
N SER B 227 -1.91 -2.15 -13.92
CA SER B 227 -0.68 -1.41 -13.56
C SER B 227 -0.91 0.05 -13.84
N CYS B 228 -0.53 0.91 -12.90
CA CYS B 228 -0.77 2.34 -13.01
C CYS B 228 0.47 3.17 -13.22
N THR B 229 0.26 4.41 -13.66
CA THR B 229 1.30 5.43 -13.68
C THR B 229 0.62 6.79 -13.48
N GLY B 230 1.14 7.58 -12.56
CA GLY B 230 0.61 8.94 -12.36
C GLY B 230 1.12 9.58 -11.10
N THR B 231 0.35 10.53 -10.62
CA THR B 231 0.64 11.24 -9.41
C THR B 231 0.23 10.31 -8.26
N GLY B 232 1.21 9.64 -7.69
CA GLY B 232 0.98 8.51 -6.79
C GLY B 232 0.04 8.69 -5.63
N GLU B 233 0.04 9.87 -4.99
CA GLU B 233 -0.69 10.02 -3.73
C GLU B 233 -2.18 9.74 -3.91
N VAL B 234 -2.74 10.26 -5.00
CA VAL B 234 -4.13 10.07 -5.32
C VAL B 234 -4.41 8.61 -5.68
N PHE B 235 -3.49 7.95 -6.36
CA PHE B 235 -3.72 6.56 -6.74
C PHE B 235 -3.77 5.69 -5.48
N ILE B 236 -3.03 6.10 -4.45
CA ILE B 236 -3.05 5.41 -3.15
C ILE B 236 -4.35 5.68 -2.43
N ARG B 237 -4.70 6.96 -2.31
CA ARG B 237 -5.91 7.32 -1.56
C ARG B 237 -7.18 6.70 -2.14
N ALA B 238 -7.21 6.57 -3.46
CA ALA B 238 -8.36 6.03 -4.20
C ALA B 238 -8.23 4.54 -4.50
N LEU B 239 -7.13 3.91 -4.08
CA LEU B 239 -6.80 2.52 -4.41
C LEU B 239 -7.13 2.19 -5.87
N ALA B 240 -6.49 2.90 -6.79
CA ALA B 240 -6.89 2.90 -8.19
C ALA B 240 -6.96 1.48 -8.76
N ALA B 241 -5.87 0.74 -8.60
CA ALA B 241 -5.79 -0.59 -9.18
C ALA B 241 -6.93 -1.51 -8.68
N TYR B 242 -7.13 -1.64 -7.37
CA TYR B 242 -8.14 -2.53 -6.87
C TYR B 242 -9.54 -1.95 -7.12
N ASP B 243 -9.66 -0.64 -7.16
CA ASP B 243 -10.98 -0.06 -7.41
C ASP B 243 -11.56 -0.54 -8.77
N ILE B 244 -10.70 -0.64 -9.78
CA ILE B 244 -11.11 -1.19 -11.05
C ILE B 244 -11.71 -2.58 -10.81
N ALA B 245 -10.98 -3.42 -10.06
CA ALA B 245 -11.43 -4.80 -9.82
C ALA B 245 -12.77 -4.83 -9.08
N ALA B 246 -12.85 -4.03 -8.05
CA ALA B 246 -14.04 -3.97 -7.20
C ALA B 246 -15.27 -3.42 -7.93
N LEU B 247 -15.07 -2.44 -8.81
CA LEU B 247 -16.19 -1.90 -9.56
C LEU B 247 -16.77 -2.95 -10.52
N MET B 248 -15.89 -3.74 -11.13
CA MET B 248 -16.31 -4.80 -12.02
C MET B 248 -16.96 -5.91 -11.20
N ASP B 249 -16.24 -6.35 -10.17
CA ASP B 249 -16.58 -7.54 -9.45
C ASP B 249 -17.86 -7.34 -8.64
N TYR B 250 -17.96 -6.21 -7.92
CA TYR B 250 -19.11 -5.96 -7.09
C TYR B 250 -20.13 -5.06 -7.74
N GLY B 251 -19.67 -4.08 -8.50
CA GLY B 251 -20.57 -3.16 -9.19
C GLY B 251 -21.12 -3.68 -10.51
N GLY B 252 -20.48 -4.70 -11.08
CA GLY B 252 -20.90 -5.23 -12.37
C GLY B 252 -20.46 -4.40 -13.57
N LEU B 253 -19.62 -3.38 -13.37
CA LEU B 253 -19.21 -2.53 -14.49
C LEU B 253 -18.36 -3.33 -15.47
N SER B 254 -18.44 -2.98 -16.75
CA SER B 254 -17.48 -3.50 -17.72
C SER B 254 -16.10 -2.91 -17.40
N LEU B 255 -15.06 -3.51 -17.97
CA LEU B 255 -13.72 -2.95 -17.87
C LEU B 255 -13.70 -1.51 -18.38
N ALA B 256 -14.34 -1.26 -19.52
CA ALA B 256 -14.42 0.08 -20.08
C ALA B 256 -15.08 1.05 -19.11
N GLU B 257 -16.20 0.65 -18.54
CA GLU B 257 -16.91 1.46 -17.58
C GLU B 257 -16.08 1.71 -16.33
N ALA B 258 -15.41 0.67 -15.82
CA ALA B 258 -14.64 0.81 -14.61
C ALA B 258 -13.47 1.78 -14.84
N CYS B 259 -12.76 1.61 -15.94
CA CYS B 259 -11.62 2.48 -16.31
C CYS B 259 -12.06 3.93 -16.47
N GLU B 260 -13.18 4.14 -17.14
CA GLU B 260 -13.74 5.48 -17.27
C GLU B 260 -14.03 6.10 -15.90
N ARG B 261 -14.71 5.35 -15.05
CA ARG B 261 -15.09 5.84 -13.72
C ARG B 261 -13.85 6.24 -12.90
N VAL B 262 -12.87 5.34 -12.83
CA VAL B 262 -11.68 5.58 -12.01
C VAL B 262 -10.77 6.65 -12.63
N VAL B 263 -10.35 6.45 -13.88
CA VAL B 263 -9.32 7.32 -14.47
C VAL B 263 -9.88 8.69 -14.88
N MET B 264 -11.10 8.72 -15.41
CA MET B 264 -11.62 9.95 -15.94
C MET B 264 -12.49 10.70 -14.97
N GLU B 265 -12.95 10.04 -13.91
CA GLU B 265 -13.84 10.70 -12.99
C GLU B 265 -13.30 10.76 -11.56
N LYS B 266 -13.09 9.61 -10.94
CA LYS B 266 -12.73 9.59 -9.53
C LYS B 266 -11.35 10.21 -9.30
N LEU B 267 -10.33 9.77 -10.03
CA LEU B 267 -8.98 10.29 -9.81
C LEU B 267 -8.88 11.81 -10.06
N PRO B 268 -9.35 12.28 -11.21
CA PRO B 268 -9.37 13.73 -11.40
C PRO B 268 -10.09 14.54 -10.32
N ALA B 269 -11.20 14.03 -9.82
CA ALA B 269 -11.89 14.66 -8.74
C ALA B 269 -11.01 14.79 -7.49
N LEU B 270 -10.06 13.88 -7.27
CA LEU B 270 -9.14 14.07 -6.15
C LEU B 270 -7.87 14.82 -6.53
N GLY B 271 -7.82 15.40 -7.74
CA GLY B 271 -6.63 16.07 -8.25
C GLY B 271 -5.53 15.13 -8.75
N GLY B 272 -5.89 13.90 -9.11
CA GLY B 272 -4.90 12.97 -9.59
C GLY B 272 -4.77 13.00 -11.11
N SER B 273 -3.56 12.76 -11.61
CA SER B 273 -3.27 12.72 -13.04
C SER B 273 -2.46 11.45 -13.38
N GLY B 274 -2.76 10.84 -14.52
CA GLY B 274 -2.04 9.66 -14.97
C GLY B 274 -2.93 8.69 -15.73
N GLY B 275 -2.55 7.43 -15.71
CA GLY B 275 -3.31 6.41 -16.38
C GLY B 275 -2.97 5.05 -15.87
N LEU B 276 -3.54 4.06 -16.54
CA LEU B 276 -3.26 2.69 -16.18
C LEU B 276 -3.49 1.83 -17.39
N ILE B 277 -3.04 0.59 -17.27
CA ILE B 277 -3.30 -0.46 -18.23
C ILE B 277 -4.00 -1.60 -17.51
N ALA B 278 -4.94 -2.24 -18.19
CA ALA B 278 -5.76 -3.27 -17.56
C ALA B 278 -6.21 -4.31 -18.56
N ILE B 279 -6.17 -5.57 -18.14
CA ILE B 279 -6.74 -6.68 -18.90
C ILE B 279 -7.69 -7.39 -17.97
N ASP B 280 -8.92 -7.68 -18.41
CA ASP B 280 -9.84 -8.45 -17.57
C ASP B 280 -9.77 -9.93 -17.90
N HIS B 281 -10.46 -10.74 -17.10
CA HIS B 281 -10.42 -12.20 -17.30
C HIS B 281 -11.07 -12.66 -18.61
N GLU B 282 -11.85 -11.80 -19.25
CA GLU B 282 -12.42 -12.11 -20.56
C GLU B 282 -11.55 -11.63 -21.72
N GLY B 283 -10.38 -11.08 -21.41
CA GLY B 283 -9.41 -10.71 -22.44
C GLY B 283 -9.64 -9.33 -23.05
N ASN B 284 -10.47 -8.52 -22.41
CA ASN B 284 -10.62 -7.13 -22.80
C ASN B 284 -9.42 -6.36 -22.28
N VAL B 285 -8.94 -5.41 -23.09
CA VAL B 285 -7.78 -4.62 -22.71
C VAL B 285 -8.15 -3.13 -22.77
N ALA B 286 -7.69 -2.37 -21.79
CA ALA B 286 -7.97 -0.94 -21.76
C ALA B 286 -6.71 -0.21 -21.33
N LEU B 287 -6.45 0.95 -21.94
CA LEU B 287 -5.28 1.76 -21.63
C LEU B 287 -5.70 3.20 -21.40
N PRO B 288 -6.53 3.42 -20.39
CA PRO B 288 -7.04 4.76 -20.13
C PRO B 288 -5.97 5.71 -19.56
N PHE B 289 -6.03 6.97 -19.97
CA PHE B 289 -5.15 7.97 -19.37
C PHE B 289 -5.83 9.32 -19.42
N ASN B 290 -5.82 10.03 -18.28
CA ASN B 290 -6.46 11.35 -18.21
C ASN B 290 -5.45 12.47 -18.51
N THR B 291 -4.22 12.09 -18.76
CA THR B 291 -3.20 12.99 -19.24
C THR B 291 -3.33 13.12 -20.77
N GLU B 292 -2.53 14.00 -21.36
CA GLU B 292 -2.58 14.20 -22.80
C GLU B 292 -2.02 13.00 -23.52
N GLY B 293 -0.99 12.40 -22.93
CA GLY B 293 -0.38 11.19 -23.49
C GLY B 293 0.03 10.15 -22.48
N MET B 294 0.33 8.96 -22.99
CA MET B 294 0.91 7.89 -22.20
C MET B 294 1.71 6.97 -23.10
N TYR B 295 2.95 6.70 -22.71
CA TYR B 295 3.80 5.77 -23.42
C TYR B 295 3.20 4.39 -23.20
N ARG B 296 2.78 3.75 -24.28
CA ARG B 296 1.97 2.55 -24.17
C ARG B 296 2.03 1.66 -25.41
N ALA B 297 1.70 0.39 -25.17
CA ALA B 297 1.65 -0.58 -26.26
C ALA B 297 0.90 -1.81 -25.78
N TRP B 298 0.29 -2.52 -26.72
CA TRP B 298 -0.40 -3.73 -26.40
C TRP B 298 -0.56 -4.63 -27.63
N GLY B 299 -0.82 -5.90 -27.36
CA GLY B 299 -1.08 -6.82 -28.46
C GLY B 299 -1.59 -8.15 -27.98
N TYR B 300 -2.47 -8.73 -28.79
CA TYR B 300 -2.95 -10.08 -28.60
C TYR B 300 -1.86 -11.01 -29.12
N ALA B 301 -1.70 -12.16 -28.46
CA ALA B 301 -0.78 -13.16 -28.92
C ALA B 301 -1.13 -13.49 -30.37
N GLY B 302 -0.12 -13.55 -31.22
CA GLY B 302 -0.30 -13.93 -32.62
C GLY B 302 -0.79 -12.83 -33.53
N ASP B 303 -0.92 -11.61 -32.99
CA ASP B 303 -1.30 -10.44 -33.79
C ASP B 303 -0.18 -9.43 -33.73
N THR B 304 -0.34 -8.37 -34.53
CA THR B 304 0.61 -7.26 -34.58
CA THR B 304 0.62 -7.27 -34.57
C THR B 304 0.31 -6.32 -33.42
N PRO B 305 1.34 -5.72 -32.82
CA PRO B 305 1.05 -4.83 -31.70
C PRO B 305 0.62 -3.43 -32.14
N THR B 306 0.12 -2.69 -31.17
CA THR B 306 -0.22 -1.30 -31.35
C THR B 306 0.61 -0.52 -30.35
N THR B 307 1.16 0.61 -30.78
CA THR B 307 1.94 1.45 -29.89
CA THR B 307 1.97 1.45 -29.91
C THR B 307 1.40 2.86 -29.95
N GLY B 308 1.58 3.59 -28.86
CA GLY B 308 1.13 4.98 -28.80
C GLY B 308 1.94 5.80 -27.81
N ILE B 309 2.01 7.10 -28.07
CA ILE B 309 2.59 8.06 -27.13
C ILE B 309 1.60 9.18 -26.83
N TYR B 310 1.00 9.73 -27.86
CA TYR B 310 0.17 10.90 -27.70
C TYR B 310 -1.30 10.50 -27.56
N ARG B 311 -2.22 11.29 -28.08
CA ARG B 311 -3.66 11.06 -27.88
C ARG B 311 -4.14 9.78 -28.58
N GLU B 312 -5.25 9.21 -28.10
CA GLU B 312 -5.80 7.95 -28.66
C GLU B 312 -6.13 7.98 -30.15
NA NA C . 2.08 0.17 23.03
NA NA D . -14.04 -15.06 16.65
NA NA E . 0.15 14.71 2.95
NA NA F . -0.26 -7.66 12.18
NA NA G . -16.92 7.21 -3.14
CL CL H . -10.11 -13.80 -2.34
CL CL I . -7.90 -20.49 28.20
CL CL J . -14.17 -10.41 27.50
CL CL K . -7.05 -17.75 17.37
CL CL L . 1.52 -7.96 10.13
CL CL M . 1.84 -14.22 0.78
CL CL N . -9.12 -10.25 41.84
CL CL O . -16.53 -11.13 -2.39
CL CL P . 8.09 15.39 19.70
NA NA Q . 14.33 2.39 -17.44
NA NA R . -12.93 -12.68 -5.42
NA NA S . 6.20 -14.11 -0.43
NA NA T . 4.20 8.26 -10.36
NA NA U . 11.80 25.13 -11.64
NA NA V . -6.22 11.32 -22.24
CL CL W . 21.65 -10.83 -9.85
CL CL X . 11.35 16.13 -37.55
CL CL Y . 3.49 19.90 -28.46
CL CL Z . -1.34 16.10 -19.17
CL CL AA . 4.30 8.53 -7.76
CL CL BA . -2.50 13.64 -0.43
CL CL CA . -17.65 4.99 -7.50
CL CL DA . 0.39 13.67 -32.42
#